data_5QGX
#
_entry.id   5QGX
#
_cell.length_a   124.150
_cell.length_b   124.150
_cell.length_c   40.874
_cell.angle_alpha   90.000
_cell.angle_beta   90.000
_cell.angle_gamma   120.000
#
_symmetry.space_group_name_H-M   'P 3 2 1'
#
loop_
_entity.id
_entity.type
_entity.pdbx_description
1 polymer 'Peroxisomal coenzyme A diphosphatase NUDT7'
2 non-polymer 'ACETATE ION'
3 non-polymer 'DIMETHYL SULFOXIDE'
4 non-polymer N-(3-chlorophenyl)-2-(4-methoxyphenyl)acetamide
5 water water
#
_entity_poly.entity_id   1
_entity_poly.type   'polypeptide(L)'
_entity_poly.pdbx_seq_one_letter_code
;SMLDDAKARLRKYDIGGKYSHLPYNKYSVLLPLVAKEGKLHLLFTVRSEKLRRAPGEVCFPGGKRDPTDMDDAATALREA
QEEVGLR(HYP)HQVEVV(CSO)CLVPCLIDTDTLITPFVGLIDHNFQAQPNPAEVKDVFLVPLAYFLHPQVHDQHYVTR
LGHRFINHIFEYTNPEDGVTYQIKGMTANLAVLVAFIILEKKPT
;
_entity_poly.pdbx_strand_id   A
#
loop_
_chem_comp.id
_chem_comp.type
_chem_comp.name
_chem_comp.formula
ACT non-polymer 'ACETATE ION' 'C2 H3 O2 -1'
DMS non-polymer 'DIMETHYL SULFOXIDE' 'C2 H6 O S'
H2J non-polymer N-(3-chlorophenyl)-2-(4-methoxyphenyl)acetamide 'C15 H14 Cl N O2'
#
# COMPACT_ATOMS: atom_id res chain seq x y z
N SER A 1 2.88 18.63 13.57
CA SER A 1 1.61 17.85 13.46
C SER A 1 1.89 16.40 13.08
N MET A 2 0.88 15.55 13.28
CA MET A 2 0.96 14.11 12.98
C MET A 2 1.36 13.90 11.53
N LEU A 3 0.70 14.64 10.63
CA LEU A 3 0.91 14.42 9.19
C LEU A 3 2.22 14.98 8.71
N ASP A 4 2.60 16.15 9.22
CA ASP A 4 3.90 16.74 8.87
C ASP A 4 5.03 15.87 9.41
N ASP A 5 4.83 15.31 10.60
CA ASP A 5 5.80 14.39 11.20
C ASP A 5 5.94 13.10 10.35
N ALA A 6 4.82 12.55 9.90
CA ALA A 6 4.86 11.32 9.07
C ALA A 6 5.59 11.57 7.76
N LYS A 7 5.27 12.69 7.10
CA LYS A 7 5.92 13.03 5.84
C LYS A 7 7.43 13.25 6.00
N ALA A 8 7.82 13.96 7.05
CA ALA A 8 9.23 14.19 7.35
C ALA A 8 9.99 12.85 7.53
N ARG A 9 9.37 11.92 8.25
CA ARG A 9 9.97 10.59 8.47
C ARG A 9 10.11 9.87 7.15
N LEU A 10 9.01 9.83 6.38
CA LEU A 10 9.00 9.11 5.12
C LEU A 10 10.05 9.61 4.14
N ARG A 11 10.24 10.92 4.08
CA ARG A 11 11.18 11.52 3.13
C ARG A 11 12.61 11.05 3.35
N LYS A 12 12.95 10.69 4.59
CA LYS A 12 14.29 10.18 4.89
C LYS A 12 14.60 8.81 4.29
N TYR A 13 13.56 8.06 3.88
CA TYR A 13 13.71 6.75 3.28
C TYR A 13 13.45 6.74 1.78
N ASP A 14 13.21 7.91 1.20
CA ASP A 14 12.90 8.05 -0.23
C ASP A 14 14.13 7.65 -1.03
N ILE A 15 13.97 6.72 -1.95
CA ILE A 15 15.08 6.42 -2.86
C ILE A 15 14.92 7.19 -4.17
N GLY A 16 13.76 7.81 -4.40
CA GLY A 16 13.51 8.56 -5.62
C GLY A 16 13.49 7.66 -6.85
N GLY A 17 14.05 8.17 -7.96
CA GLY A 17 14.09 7.45 -9.24
C GLY A 17 15.33 6.62 -9.50
N LYS A 18 16.11 6.37 -8.45
CA LYS A 18 17.40 5.68 -8.52
C LYS A 18 17.35 4.36 -9.32
N TYR A 19 16.37 3.52 -9.04
CA TYR A 19 16.22 2.20 -9.69
C TYR A 19 15.19 2.18 -10.84
N SER A 20 14.60 3.34 -11.15
CA SER A 20 13.41 3.39 -12.01
C SER A 20 13.65 3.14 -13.50
N HIS A 21 14.87 3.34 -14.01
N HIS A 21 14.89 3.33 -13.96
CA HIS A 21 15.11 3.13 -15.45
CA HIS A 21 15.22 3.20 -15.37
C HIS A 21 15.60 1.72 -15.77
C HIS A 21 15.74 1.80 -15.74
N LEU A 22 15.92 0.92 -14.75
CA LEU A 22 16.44 -0.44 -15.00
C LEU A 22 15.44 -1.28 -15.79
N PRO A 23 15.92 -2.13 -16.70
CA PRO A 23 15.05 -2.76 -17.70
C PRO A 23 14.26 -3.97 -17.23
N TYR A 24 13.39 -3.76 -16.23
CA TYR A 24 12.58 -4.80 -15.67
C TYR A 24 11.16 -4.77 -16.23
N ASN A 25 10.42 -5.84 -15.99
CA ASN A 25 8.96 -5.77 -16.05
C ASN A 25 8.57 -4.95 -14.82
N LYS A 26 7.86 -3.83 -15.02
CA LYS A 26 7.71 -2.83 -13.95
C LYS A 26 6.26 -2.73 -13.48
N TYR A 27 6.09 -2.79 -12.16
CA TYR A 27 4.80 -2.59 -11.49
C TYR A 27 5.01 -1.58 -10.39
N SER A 28 3.96 -0.81 -10.05
CA SER A 28 3.99 0.07 -8.89
C SER A 28 2.83 -0.25 -7.98
N VAL A 29 3.03 0.00 -6.68
CA VAL A 29 1.94 -0.07 -5.69
C VAL A 29 1.88 1.24 -4.95
N LEU A 30 0.66 1.60 -4.52
CA LEU A 30 0.44 2.72 -3.65
C LEU A 30 0.14 2.23 -2.23
N LEU A 31 0.92 2.73 -1.26
CA LEU A 31 0.70 2.44 0.14
C LEU A 31 -0.10 3.68 0.65
N PRO A 32 -1.44 3.58 0.76
CA PRO A 32 -2.25 4.76 1.00
C PRO A 32 -2.48 4.97 2.49
N LEU A 33 -1.98 6.09 2.99
CA LEU A 33 -2.11 6.46 4.41
C LEU A 33 -3.32 7.37 4.59
N VAL A 34 -4.19 6.96 5.51
CA VAL A 34 -5.45 7.63 5.81
C VAL A 34 -5.41 8.00 7.29
N ALA A 35 -5.71 9.26 7.61
CA ALA A 35 -5.81 9.66 9.02
C ALA A 35 -7.28 9.65 9.43
N LYS A 36 -7.62 8.84 10.44
CA LYS A 36 -9.00 8.75 10.98
C LYS A 36 -8.89 8.61 12.48
N GLU A 37 -9.83 9.20 13.21
CA GLU A 37 -9.88 9.04 14.67
C GLU A 37 -8.55 9.30 15.37
N GLY A 38 -7.82 10.28 14.84
CA GLY A 38 -6.57 10.72 15.38
C GLY A 38 -5.40 9.77 15.20
N LYS A 39 -5.52 8.79 14.29
CA LYS A 39 -4.47 7.78 14.08
C LYS A 39 -4.28 7.56 12.58
N LEU A 40 -3.06 7.15 12.20
CA LEU A 40 -2.84 6.78 10.79
C LEU A 40 -3.27 5.34 10.53
N HIS A 41 -3.78 5.11 9.33
CA HIS A 41 -4.24 3.81 8.86
C HIS A 41 -3.65 3.58 7.47
N LEU A 42 -3.49 2.31 7.11
CA LEU A 42 -3.24 1.93 5.73
C LEU A 42 -4.50 1.39 5.09
N LEU A 43 -4.69 1.73 3.83
CA LEU A 43 -5.80 1.23 3.04
C LEU A 43 -5.34 0.03 2.22
N PHE A 44 -6.12 -1.04 2.30
CA PHE A 44 -5.88 -2.27 1.57
C PHE A 44 -7.07 -2.61 0.70
N THR A 45 -6.80 -3.40 -0.35
CA THR A 45 -7.86 -3.98 -1.17
C THR A 45 -7.89 -5.49 -0.98
N VAL A 46 -9.05 -6.08 -1.23
CA VAL A 46 -9.13 -7.50 -1.45
C VAL A 46 -9.40 -7.69 -2.94
N ARG A 47 -8.54 -8.46 -3.58
CA ARG A 47 -8.64 -8.70 -5.02
C ARG A 47 -9.88 -9.51 -5.31
N SER A 48 -10.51 -9.21 -6.45
CA SER A 48 -11.69 -9.93 -6.88
C SER A 48 -11.37 -11.41 -7.05
N GLU A 49 -12.35 -12.27 -6.75
CA GLU A 49 -12.18 -13.72 -6.89
C GLU A 49 -12.02 -14.18 -8.35
N LYS A 50 -12.42 -13.33 -9.31
CA LYS A 50 -12.29 -13.63 -10.74
C LYS A 50 -11.01 -13.10 -11.42
N LEU A 51 -10.08 -12.54 -10.64
CA LEU A 51 -8.77 -12.20 -11.18
C LEU A 51 -7.93 -13.47 -11.30
N ARG A 52 -7.04 -13.48 -12.28
CA ARG A 52 -6.25 -14.67 -12.60
C ARG A 52 -5.13 -14.86 -11.57
N ARG A 53 -4.42 -13.77 -11.25
CA ARG A 53 -3.35 -13.78 -10.26
C ARG A 53 -3.93 -13.44 -8.88
N ALA A 54 -3.77 -14.35 -7.91
CA ALA A 54 -4.05 -14.10 -6.49
C ALA A 54 -5.50 -13.65 -6.18
N PRO A 55 -6.49 -14.43 -6.63
CA PRO A 55 -7.88 -14.05 -6.36
C PRO A 55 -8.18 -14.06 -4.87
N GLY A 56 -8.91 -13.06 -4.41
CA GLY A 56 -9.31 -12.98 -3.00
C GLY A 56 -8.23 -12.63 -1.99
N GLU A 57 -7.04 -12.27 -2.45
CA GLU A 57 -5.96 -11.92 -1.52
C GLU A 57 -5.91 -10.43 -1.24
N VAL A 58 -5.34 -10.08 -0.09
CA VAL A 58 -5.19 -8.71 0.33
C VAL A 58 -3.97 -8.12 -0.37
N CYS A 59 -4.10 -6.92 -0.90
N CYS A 59 -4.12 -6.95 -0.98
CA CYS A 59 -3.14 -6.33 -1.80
CA CYS A 59 -3.04 -6.29 -1.68
C CYS A 59 -3.26 -4.81 -1.73
C CYS A 59 -3.23 -4.81 -1.56
N PHE A 60 -2.15 -4.08 -1.84
CA PHE A 60 -2.23 -2.64 -2.01
C PHE A 60 -2.71 -2.35 -3.44
N PRO A 61 -3.35 -1.18 -3.66
CA PRO A 61 -3.67 -0.79 -5.03
C PRO A 61 -2.38 -0.66 -5.88
N GLY A 62 -2.48 -1.00 -7.15
CA GLY A 62 -1.30 -0.90 -8.02
C GLY A 62 -1.46 -1.78 -9.24
N GLY A 63 -0.39 -1.88 -10.00
CA GLY A 63 -0.43 -2.64 -11.23
C GLY A 63 0.74 -2.36 -12.13
N LYS A 64 0.64 -2.86 -13.36
CA LYS A 64 1.76 -2.79 -14.31
C LYS A 64 1.89 -1.42 -14.96
N ARG A 65 3.11 -0.93 -15.10
CA ARG A 65 3.35 0.31 -15.80
C ARG A 65 2.88 0.13 -17.25
N ASP A 66 2.33 1.20 -17.79
CA ASP A 66 1.98 1.24 -19.23
C ASP A 66 2.62 2.43 -19.91
N PRO A 67 2.50 2.51 -21.25
CA PRO A 67 3.25 3.60 -21.88
C PRO A 67 2.83 5.01 -21.57
N THR A 68 1.61 5.20 -21.06
CA THR A 68 1.11 6.54 -20.76
C THR A 68 1.80 7.15 -19.52
N ASP A 69 2.28 6.29 -18.63
CA ASP A 69 2.80 6.75 -17.34
C ASP A 69 4.09 7.59 -17.50
N MET A 70 4.08 8.80 -16.97
CA MET A 70 5.27 9.67 -17.01
C MET A 70 6.41 9.07 -16.19
N ASP A 71 6.05 8.38 -15.11
CA ASP A 71 7.01 7.78 -14.19
C ASP A 71 6.31 6.68 -13.37
N ASP A 72 7.05 6.05 -12.45
CA ASP A 72 6.52 4.94 -11.68
C ASP A 72 5.43 5.38 -10.70
N ALA A 73 5.52 6.61 -10.21
CA ALA A 73 4.48 7.14 -9.31
C ALA A 73 3.15 7.24 -10.06
N ALA A 74 3.23 7.68 -11.32
CA ALA A 74 2.03 7.74 -12.16
C ALA A 74 1.34 6.40 -12.33
N THR A 75 2.12 5.32 -12.48
CA THR A 75 1.56 3.99 -12.51
C THR A 75 0.69 3.69 -11.30
N ALA A 76 1.25 3.98 -10.12
CA ALA A 76 0.55 3.73 -8.88
C ALA A 76 -0.78 4.50 -8.81
N LEU A 77 -0.73 5.77 -9.19
CA LEU A 77 -1.90 6.64 -9.14
C LEU A 77 -2.95 6.24 -10.17
N ARG A 78 -2.52 5.91 -11.37
CA ARG A 78 -3.46 5.46 -12.41
C ARG A 78 -4.21 4.21 -11.99
N GLU A 79 -3.47 3.23 -11.47
CA GLU A 79 -4.06 1.98 -11.03
C GLU A 79 -4.96 2.17 -9.80
N ALA A 80 -4.54 3.00 -8.85
CA ALA A 80 -5.37 3.27 -7.68
C ALA A 80 -6.70 3.93 -8.09
N GLN A 81 -6.65 4.84 -9.06
CA GLN A 81 -7.88 5.45 -9.58
C GLN A 81 -8.82 4.40 -10.19
N GLU A 82 -8.26 3.54 -11.05
CA GLU A 82 -9.03 2.46 -11.68
C GLU A 82 -9.65 1.51 -10.67
N GLU A 83 -8.89 1.15 -9.63
CA GLU A 83 -9.28 0.12 -8.69
C GLU A 83 -10.21 0.61 -7.60
N VAL A 84 -9.96 1.80 -7.03
CA VAL A 84 -10.74 2.28 -5.88
C VAL A 84 -11.31 3.70 -6.03
N GLY A 85 -11.16 4.29 -7.21
CA GLY A 85 -11.68 5.64 -7.50
C GLY A 85 -10.90 6.81 -6.92
N LEU A 86 -9.69 6.55 -6.41
CA LEU A 86 -8.85 7.61 -5.90
C LEU A 86 -8.37 8.54 -7.00
N ARG A 87 -8.75 9.82 -6.92
CA ARG A 87 -8.39 10.80 -7.94
C ARG A 87 -7.05 11.47 -7.57
N HYP A 88 -6.27 11.93 -8.56
CA HYP A 88 -4.95 12.47 -8.20
C HYP A 88 -4.92 13.63 -7.25
O HYP A 88 -4.00 13.70 -6.44
CB HYP A 88 -4.24 12.77 -9.52
CG HYP A 88 -4.91 11.80 -10.49
CD HYP A 88 -6.34 11.69 -10.01
OD1 HYP A 88 -4.31 10.49 -10.35
N HIS A 89 -5.93 14.48 -7.28
CA HIS A 89 -6.01 15.59 -6.31
C HIS A 89 -6.24 15.10 -4.87
N GLN A 90 -6.62 13.84 -4.70
CA GLN A 90 -6.89 13.24 -3.40
C GLN A 90 -5.70 12.52 -2.78
N VAL A 91 -4.54 12.58 -3.43
CA VAL A 91 -3.35 11.88 -2.96
C VAL A 91 -2.10 12.73 -3.14
N GLU A 92 -1.30 12.79 -2.07
CA GLU A 92 0.01 13.42 -2.13
C GLU A 92 1.02 12.29 -2.02
N VAL A 93 1.76 12.04 -3.11
CA VAL A 93 2.83 11.04 -3.11
C VAL A 93 4.03 11.65 -2.40
N VAL A 94 4.44 11.02 -1.30
CA VAL A 94 5.44 11.57 -0.39
C VAL A 94 6.80 10.98 -0.72
N CSO A 95 6.85 9.69 -1.03
CA CSO A 95 8.11 9.05 -1.33
CB CSO A 95 8.87 8.86 -0.03
SG CSO A 95 8.10 7.67 0.98
C CSO A 95 7.97 7.72 -2.00
O CSO A 95 6.90 7.11 -2.07
OD CSO A 95 9.58 6.84 1.18
N CYS A 96 9.12 7.27 -2.49
CA CYS A 96 9.31 6.00 -3.08
C CYS A 96 10.17 5.14 -2.13
N LEU A 97 9.62 4.03 -1.66
CA LEU A 97 10.36 3.13 -0.77
C LEU A 97 11.16 2.11 -1.57
N VAL A 98 11.99 1.36 -0.88
CA VAL A 98 12.80 0.32 -1.50
C VAL A 98 11.98 -0.58 -2.42
N PRO A 99 12.41 -0.72 -3.69
CA PRO A 99 11.66 -1.62 -4.56
C PRO A 99 11.84 -3.09 -4.23
N CYS A 100 10.88 -3.90 -4.66
N CYS A 100 10.87 -3.90 -4.64
CA CYS A 100 10.78 -5.33 -4.38
CA CYS A 100 10.81 -5.34 -4.41
C CYS A 100 11.14 -6.07 -5.69
C CYS A 100 11.17 -6.06 -5.71
N LEU A 101 12.18 -6.93 -5.65
CA LEU A 101 12.56 -7.77 -6.82
C LEU A 101 11.85 -9.10 -6.76
N ILE A 102 11.16 -9.49 -7.84
CA ILE A 102 10.56 -10.84 -7.88
C ILE A 102 10.76 -11.51 -9.24
N ASP A 103 10.78 -12.84 -9.22
CA ASP A 103 10.77 -13.69 -10.42
C ASP A 103 11.94 -13.47 -11.36
N THR A 104 13.03 -12.86 -10.86
CA THR A 104 14.23 -12.55 -11.64
C THR A 104 14.11 -11.44 -12.66
N ASP A 105 12.89 -11.10 -13.10
CA ASP A 105 12.70 -10.14 -14.18
C ASP A 105 11.69 -9.00 -13.86
N THR A 106 11.33 -8.86 -12.59
CA THR A 106 10.25 -7.96 -12.23
C THR A 106 10.68 -7.08 -11.06
N LEU A 107 10.32 -5.81 -11.15
CA LEU A 107 10.62 -4.86 -10.10
C LEU A 107 9.34 -4.12 -9.73
N ILE A 108 9.00 -4.18 -8.45
CA ILE A 108 7.77 -3.55 -7.95
C ILE A 108 8.19 -2.36 -7.10
N THR A 109 7.75 -1.16 -7.47
CA THR A 109 8.13 0.05 -6.80
C THR A 109 6.97 0.55 -5.92
N PRO A 110 7.18 0.64 -4.59
CA PRO A 110 6.12 1.13 -3.69
C PRO A 110 6.24 2.63 -3.43
N PHE A 111 5.10 3.32 -3.49
CA PHE A 111 5.03 4.74 -3.19
C PHE A 111 4.09 4.92 -2.03
N VAL A 112 4.49 5.76 -1.07
CA VAL A 112 3.60 6.09 0.03
C VAL A 112 2.85 7.37 -0.34
N GLY A 113 1.53 7.35 -0.19
CA GLY A 113 0.68 8.49 -0.49
C GLY A 113 -0.16 8.85 0.71
N LEU A 114 -0.28 10.15 0.99
CA LEU A 114 -1.20 10.65 1.99
C LEU A 114 -2.52 10.91 1.29
N ILE A 115 -3.60 10.36 1.85
CA ILE A 115 -4.93 10.35 1.22
C ILE A 115 -5.80 11.41 1.88
N ASP A 116 -6.51 12.16 1.04
CA ASP A 116 -7.42 13.20 1.54
C ASP A 116 -8.47 12.66 2.47
N HIS A 117 -8.78 13.40 3.53
CA HIS A 117 -9.77 12.95 4.51
C HIS A 117 -11.21 12.79 3.98
N ASN A 118 -11.54 13.40 2.85
CA ASN A 118 -12.88 13.25 2.26
C ASN A 118 -12.95 12.15 1.20
N PHE A 119 -11.85 11.44 0.97
CA PHE A 119 -11.90 10.31 0.04
C PHE A 119 -12.78 9.19 0.59
N GLN A 120 -13.66 8.67 -0.25
CA GLN A 120 -14.38 7.45 0.05
C GLN A 120 -14.28 6.52 -1.16
N ALA A 121 -13.81 5.30 -0.90
CA ALA A 121 -13.48 4.38 -1.99
C ALA A 121 -14.71 4.02 -2.80
N GLN A 122 -14.54 4.04 -4.13
CA GLN A 122 -15.51 3.56 -5.12
C GLN A 122 -14.83 2.39 -5.86
N PRO A 123 -14.84 1.19 -5.25
CA PRO A 123 -14.10 0.09 -5.87
C PRO A 123 -14.76 -0.45 -7.12
N ASN A 124 -13.94 -0.74 -8.12
CA ASN A 124 -14.36 -1.41 -9.32
C ASN A 124 -14.56 -2.89 -8.95
N PRO A 125 -15.83 -3.38 -8.92
CA PRO A 125 -16.04 -4.77 -8.54
C PRO A 125 -15.44 -5.83 -9.48
N ALA A 126 -15.08 -5.44 -10.70
CA ALA A 126 -14.35 -6.35 -11.59
C ALA A 126 -12.94 -6.67 -11.09
N GLU A 127 -12.40 -5.79 -10.24
CA GLU A 127 -11.03 -5.92 -9.76
C GLU A 127 -10.89 -6.03 -8.25
N VAL A 128 -11.79 -5.38 -7.53
CA VAL A 128 -11.68 -5.24 -6.08
C VAL A 128 -12.97 -5.75 -5.44
N LYS A 129 -12.85 -6.75 -4.56
CA LYS A 129 -13.97 -7.29 -3.80
C LYS A 129 -14.28 -6.46 -2.55
N ASP A 130 -13.24 -5.84 -1.99
CA ASP A 130 -13.40 -5.15 -0.73
C ASP A 130 -12.27 -4.15 -0.58
N VAL A 131 -12.51 -3.13 0.24
CA VAL A 131 -11.49 -2.14 0.62
C VAL A 131 -11.63 -1.98 2.13
N PHE A 132 -10.51 -1.95 2.84
CA PHE A 132 -10.55 -1.80 4.28
C PHE A 132 -9.32 -1.08 4.82
N LEU A 133 -9.47 -0.52 6.01
CA LEU A 133 -8.40 0.19 6.69
C LEU A 133 -7.86 -0.67 7.81
N VAL A 134 -6.55 -0.56 8.04
CA VAL A 134 -5.94 -1.13 9.25
C VAL A 134 -5.13 -0.04 9.94
N PRO A 135 -5.28 0.11 11.26
CA PRO A 135 -4.44 1.12 11.89
C PRO A 135 -2.96 0.74 11.72
N LEU A 136 -2.16 1.73 11.40
CA LEU A 136 -0.74 1.52 11.19
C LEU A 136 -0.09 0.86 12.40
N ALA A 137 -0.50 1.26 13.61
CA ALA A 137 0.07 0.67 14.82
C ALA A 137 -0.15 -0.84 14.98
N TYR A 138 -1.19 -1.40 14.34
CA TYR A 138 -1.42 -2.84 14.35
C TYR A 138 -0.16 -3.60 13.93
N PHE A 139 0.56 -3.05 12.96
CA PHE A 139 1.70 -3.76 12.38
C PHE A 139 2.92 -3.84 13.30
N LEU A 140 2.88 -3.11 14.41
CA LEU A 140 3.87 -3.25 15.48
C LEU A 140 3.56 -4.43 16.41
N HIS A 141 2.29 -4.80 16.53
CA HIS A 141 1.87 -5.92 17.37
C HIS A 141 0.77 -6.73 16.68
N PRO A 142 1.12 -7.34 15.54
CA PRO A 142 0.14 -8.07 14.77
C PRO A 142 -0.21 -9.41 15.41
N GLN A 143 -1.34 -9.96 15.01
CA GLN A 143 -1.73 -11.31 15.39
C GLN A 143 -1.21 -12.24 14.30
N VAL A 144 -0.18 -13.03 14.64
CA VAL A 144 0.54 -13.81 13.66
C VAL A 144 0.04 -15.25 13.70
N HIS A 145 -0.19 -15.81 12.51
CA HIS A 145 -0.52 -17.22 12.33
C HIS A 145 0.47 -17.80 11.34
N ASP A 146 0.95 -19.01 11.63
CA ASP A 146 1.96 -19.67 10.82
C ASP A 146 1.31 -20.71 9.91
N GLN A 147 1.49 -20.56 8.60
CA GLN A 147 0.89 -21.47 7.61
C GLN A 147 1.92 -22.48 7.11
N ILE A 158 7.53 -22.80 6.48
CA ILE A 158 6.38 -22.18 7.16
C ILE A 158 6.51 -20.66 7.12
N ASN A 159 5.46 -19.97 6.65
CA ASN A 159 5.47 -18.50 6.50
C ASN A 159 4.43 -17.79 7.38
N HIS A 160 4.77 -16.58 7.82
CA HIS A 160 3.97 -15.81 8.78
C HIS A 160 2.83 -15.07 8.08
N ILE A 161 1.62 -15.20 8.62
CA ILE A 161 0.41 -14.54 8.11
C ILE A 161 -0.15 -13.66 9.23
N PHE A 162 -0.51 -12.42 8.90
CA PHE A 162 -1.18 -11.54 9.87
C PHE A 162 -2.68 -11.73 9.73
N GLU A 163 -3.40 -11.78 10.85
CA GLU A 163 -4.87 -11.76 10.86
C GLU A 163 -5.33 -10.48 11.53
N TYR A 164 -6.07 -9.68 10.78
CA TYR A 164 -6.60 -8.44 11.32
C TYR A 164 -8.11 -8.54 11.35
N THR A 165 -8.70 -8.31 12.51
CA THR A 165 -10.16 -8.28 12.66
C THR A 165 -10.65 -6.85 12.81
N ASN A 166 -11.52 -6.41 11.89
CA ASN A 166 -12.09 -5.08 11.92
C ASN A 166 -13.10 -5.01 13.07
N PRO A 167 -12.85 -4.15 14.09
CA PRO A 167 -13.78 -4.09 15.23
C PRO A 167 -15.17 -3.53 14.88
N GLU A 168 -15.28 -2.85 13.75
CA GLU A 168 -16.57 -2.33 13.29
C GLU A 168 -17.57 -3.43 12.97
N ASP A 169 -17.08 -4.51 12.37
CA ASP A 169 -17.93 -5.59 11.90
C ASP A 169 -17.48 -7.03 12.21
N GLY A 170 -16.36 -7.23 12.88
CA GLY A 170 -15.86 -8.57 13.18
C GLY A 170 -15.25 -9.38 12.05
N VAL A 171 -15.08 -8.77 10.87
CA VAL A 171 -14.52 -9.46 9.72
C VAL A 171 -13.01 -9.58 9.87
N THR A 172 -12.49 -10.78 9.65
CA THR A 172 -11.05 -11.03 9.72
C THR A 172 -10.44 -11.12 8.32
N TYR A 173 -9.35 -10.40 8.13
CA TYR A 173 -8.61 -10.38 6.88
C TYR A 173 -7.24 -10.98 7.12
N GLN A 174 -6.75 -11.75 6.16
CA GLN A 174 -5.38 -12.28 6.18
C GLN A 174 -4.49 -11.39 5.33
N ILE A 175 -3.36 -10.97 5.90
CA ILE A 175 -2.42 -10.11 5.19
C ILE A 175 -1.06 -10.82 5.21
N LYS A 176 -0.47 -11.00 4.04
CA LYS A 176 0.77 -11.77 3.97
C LYS A 176 1.71 -11.28 2.90
N GLY A 177 2.87 -11.92 2.84
CA GLY A 177 3.83 -11.66 1.77
C GLY A 177 4.32 -10.24 1.66
N MET A 178 4.53 -9.78 0.43
CA MET A 178 5.04 -8.43 0.16
C MET A 178 4.16 -7.38 0.83
N THR A 179 2.85 -7.58 0.77
CA THR A 179 1.88 -6.63 1.33
C THR A 179 2.09 -6.48 2.83
N ALA A 180 2.19 -7.61 3.54
CA ALA A 180 2.50 -7.56 4.99
C ALA A 180 3.87 -6.94 5.28
N ASN A 181 4.86 -7.29 4.48
CA ASN A 181 6.18 -6.76 4.70
C ASN A 181 6.24 -5.25 4.54
N LEU A 182 5.60 -4.72 3.51
CA LEU A 182 5.57 -3.29 3.28
C LEU A 182 4.81 -2.54 4.38
N ALA A 183 3.74 -3.15 4.86
CA ALA A 183 2.95 -2.52 5.95
C ALA A 183 3.79 -2.35 7.20
N VAL A 184 4.57 -3.38 7.54
CA VAL A 184 5.47 -3.29 8.70
C VAL A 184 6.54 -2.24 8.48
N LEU A 185 7.13 -2.20 7.29
CA LEU A 185 8.13 -1.17 7.01
C LEU A 185 7.59 0.26 7.24
N VAL A 186 6.42 0.56 6.68
CA VAL A 186 5.81 1.86 6.84
C VAL A 186 5.54 2.17 8.33
N ALA A 187 5.01 1.18 9.06
CA ALA A 187 4.75 1.33 10.50
C ALA A 187 6.05 1.66 11.24
N PHE A 188 7.13 0.92 10.96
CA PHE A 188 8.40 1.25 11.60
C PHE A 188 8.88 2.67 11.30
N ILE A 189 8.86 3.04 10.02
CA ILE A 189 9.33 4.33 9.61
C ILE A 189 8.60 5.45 10.34
N ILE A 190 7.28 5.33 10.39
CA ILE A 190 6.46 6.44 10.87
C ILE A 190 6.33 6.45 12.39
N LEU A 191 6.24 5.28 12.99
CA LEU A 191 5.89 5.17 14.42
C LEU A 191 7.04 4.93 15.37
N GLU A 192 8.21 4.53 14.88
CA GLU A 192 9.34 4.31 15.81
C GLU A 192 9.75 5.58 16.55
N LYS A 193 10.20 5.38 17.80
CA LYS A 193 10.82 6.44 18.58
C LYS A 193 9.97 7.71 18.62
N LYS A 194 8.78 7.59 19.20
CA LYS A 194 7.85 8.71 19.32
C LYS A 194 7.48 8.90 20.79
N PRO A 195 7.58 10.14 21.31
CA PRO A 195 7.02 10.40 22.65
C PRO A 195 5.50 10.24 22.65
N THR A 196 4.94 9.76 23.75
CA THR A 196 3.48 9.65 23.91
C THR A 196 2.91 10.98 24.46
C ACT B . -8.53 -12.40 2.93
O ACT B . -9.28 -11.56 2.38
OXT ACT B . -8.47 -12.51 4.18
CH3 ACT B . -7.65 -13.28 2.10
C ACT C . -1.97 16.54 -3.92
O ACT C . -2.32 16.27 -5.09
OXT ACT C . -2.73 16.34 -2.95
CH3 ACT C . -0.60 17.09 -3.69
S DMS D . -14.37 9.83 -4.15
O DMS D . -13.81 10.23 -2.84
C1 DMS D . -14.08 11.03 -5.33
C2 DMS D . -13.48 8.57 -4.87
S DMS E . -6.22 16.50 3.71
O DMS E . -6.98 15.34 4.24
C1 DMS E . -6.75 17.97 4.39
C2 DMS E . -4.63 16.45 4.35
N1 H2J F . -3.01 -4.32 -6.96
C4 H2J F . 1.12 -5.51 -8.51
C5 H2J F . 0.48 -5.41 -7.28
C6 H2J F . -0.58 -4.37 -7.03
C7 H2J F . -1.91 -4.81 -7.59
C8 H2J F . -4.35 -4.61 -7.24
C10 H2J F . -6.59 -4.89 -6.44
C13 H2J F . -4.80 -4.85 -8.54
C15 H2J F . 1.81 -7.27 -6.49
C1 H2J F . 3.19 -9.64 -7.49
O1 H2J F . 3.40 -8.31 -7.97
C2 H2J F . 2.43 -7.37 -7.73
C3 H2J F . 2.09 -6.48 -8.74
C9 H2J F . -5.26 -4.62 -6.19
C11 H2J F . -7.04 -5.16 -7.72
C12 H2J F . -6.13 -5.12 -8.75
CL1 H2J F . -6.66 -5.44 -10.39
O2 H2J F . -1.97 -5.54 -8.57
C14 H2J F . 0.84 -6.30 -6.28
#